data_8B93
#
_entry.id   8B93
#
_cell.length_a   59.979
_cell.length_b   85.479
_cell.length_c   121.588
_cell.angle_alpha   90.000
_cell.angle_beta   90.000
_cell.angle_gamma   90.000
#
_symmetry.space_group_name_H-M   'P 21 21 21'
#
loop_
_entity.id
_entity.type
_entity.pdbx_description
1 polymer 'Peroxisome proliferator-activated receptor gamma'
2 polymer 'Nuclear receptor corepressor 2'
3 non-polymer 4-chloranyl-6-fluoranyl-~{N}1-[[4-fluoranyl-2-(2-methoxyethoxymethyl)phenyl]methyl]-~{N}3-[2-methyl-4-(trifluoromethyl)phenyl]benzene-1,3-dicarboxamide
4 water water
#
loop_
_entity_poly.entity_id
_entity_poly.type
_entity_poly.pdbx_seq_one_letter_code
_entity_poly.pdbx_strand_id
1 'polypeptide(L)'
;GSHMQLNPESADLRALAKHLYDSYIKSFPLTKAKARAILTGKTTDKSPFVIYDMNSLMMGEDKIKFKHITPLQEQSKEVA
IRIFQGCQFRSVEAVQEITEYAKSIPGFVNLDLNDQVTLLKYGVHEIIYTMLASLMNKDGVLISEGQGFMTREFLKSLRK
PFGDFMEPKFEFAVKFNALELDDSDLAIFIAVIILSGDRPGLLNVKPIEDIQDNLLQALELQLKLNHPESSQLFAKLLQK
MTDLRQIVTEHVQLLQVIKKTETDMSLHPLLQEIYKDLY
;
A,B
2 'polypeptide(L)' HASTNMGLEAIIRKALMGKYDQW C,D
#
loop_
_chem_comp.id
_chem_comp.type
_chem_comp.name
_chem_comp.formula
Q8F non-polymer 4-chloranyl-6-fluoranyl-~{N}1-[[4-fluoranyl-2-(2-methoxyethoxymethyl)phenyl]methyl]-~{N}3-[2-methyl-4-(trifluoromethyl)phenyl]benzene-1,3-dicarboxamide 'C27 H24 Cl F5 N2 O4'
#
# COMPACT_ATOMS: atom_id res chain seq x y z
N MET A 4 -11.72 13.69 21.77
CA MET A 4 -10.50 13.03 22.33
C MET A 4 -10.28 13.51 23.78
N GLN A 5 -10.06 12.55 24.67
CA GLN A 5 -9.95 12.71 26.14
C GLN A 5 -8.58 12.16 26.58
N LEU A 6 -7.93 12.75 27.60
CA LEU A 6 -6.65 12.21 28.18
C LEU A 6 -6.99 11.34 29.40
N ASN A 7 -6.90 10.02 29.24
CA ASN A 7 -7.47 9.00 30.15
C ASN A 7 -6.47 7.85 30.26
N PRO A 8 -6.72 6.87 31.15
CA PRO A 8 -5.89 5.67 31.24
C PRO A 8 -5.42 5.03 29.92
N GLU A 9 -6.30 4.79 28.94
CA GLU A 9 -5.89 4.11 27.69
C GLU A 9 -4.93 5.00 26.90
N SER A 10 -5.26 6.29 26.82
CA SER A 10 -4.48 7.32 26.10
C SER A 10 -3.09 7.45 26.72
N ALA A 11 -2.98 7.46 28.05
CA ALA A 11 -1.68 7.61 28.78
C ALA A 11 -0.80 6.37 28.56
N ASP A 12 -1.42 5.21 28.33
CA ASP A 12 -0.69 3.95 28.06
C ASP A 12 -0.22 3.95 26.59
N LEU A 13 -0.98 4.57 25.69
CA LEU A 13 -0.50 4.71 24.28
C LEU A 13 0.71 5.65 24.26
N ARG A 14 0.72 6.64 25.17
CA ARG A 14 1.82 7.62 25.33
C ARG A 14 3.07 6.95 25.92
N ALA A 15 2.93 5.97 26.80
CA ALA A 15 4.07 5.26 27.46
C ALA A 15 4.70 4.32 26.44
N LEU A 16 3.86 3.67 25.64
CA LEU A 16 4.27 2.78 24.55
C LEU A 16 5.00 3.60 23.48
N ALA A 17 4.47 4.75 23.08
CA ALA A 17 5.15 5.68 22.14
C ALA A 17 6.53 6.03 22.72
N LYS A 18 6.61 6.38 24.03
CA LYS A 18 7.86 6.87 24.65
C LYS A 18 8.87 5.74 24.70
N HIS A 19 8.38 4.53 25.02
CA HIS A 19 9.23 3.32 25.14
C HIS A 19 9.82 2.91 23.78
N LEU A 20 9.09 3.04 22.68
CA LEU A 20 9.65 2.77 21.33
C LEU A 20 10.62 3.87 20.94
N TYR A 21 10.30 5.13 21.25
CA TYR A 21 11.17 6.30 20.97
C TYR A 21 12.57 6.11 21.59
N ASP A 22 12.67 5.88 22.91
CA ASP A 22 13.95 5.63 23.63
C ASP A 22 14.66 4.40 23.03
N SER A 23 13.92 3.31 22.89
CA SER A 23 14.42 2.05 22.28
C SER A 23 15.00 2.33 20.88
N TYR A 24 14.32 3.17 20.09
CA TYR A 24 14.71 3.57 18.70
C TYR A 24 16.00 4.41 18.72
N ILE A 25 16.08 5.36 19.64
CA ILE A 25 17.25 6.28 19.81
C ILE A 25 18.48 5.46 20.17
N LYS A 26 18.27 4.38 20.90
CA LYS A 26 19.30 3.35 21.21
C LYS A 26 19.81 2.70 19.92
N SER A 27 18.93 2.02 19.17
CA SER A 27 19.28 1.12 18.04
C SER A 27 19.88 1.87 16.86
N PHE A 28 19.40 3.08 16.55
CA PHE A 28 19.91 3.89 15.42
C PHE A 28 20.55 5.13 16.01
N PRO A 29 21.88 5.11 16.21
CA PRO A 29 22.58 6.25 16.81
C PRO A 29 22.25 7.55 16.04
N LEU A 30 22.44 7.53 14.72
CA LEU A 30 22.19 8.70 13.83
C LEU A 30 20.69 8.90 13.70
N THR A 31 20.11 9.71 14.59
CA THR A 31 18.65 10.03 14.63
C THR A 31 18.28 10.98 13.50
N LYS A 32 16.98 11.09 13.16
CA LYS A 32 16.56 12.02 12.09
C LYS A 32 16.89 13.45 12.53
N ALA A 33 16.80 13.78 13.83
CA ALA A 33 17.06 15.15 14.38
C ALA A 33 18.50 15.58 14.08
N LYS A 34 19.50 14.75 14.40
CA LYS A 34 20.93 15.07 14.18
C LYS A 34 21.24 14.98 12.68
N ALA A 35 20.66 14.02 11.96
CA ALA A 35 20.66 14.00 10.48
C ALA A 35 20.16 15.37 9.91
N ARG A 36 19.10 16.00 10.45
CA ARG A 36 18.54 17.27 9.90
C ARG A 36 19.39 18.48 10.28
N ALA A 37 19.97 18.49 11.48
CA ALA A 37 20.97 19.51 11.91
C ALA A 37 22.21 19.44 10.99
N ILE A 38 22.64 18.25 10.59
CA ILE A 38 23.82 18.09 9.68
C ILE A 38 23.45 18.55 8.26
N LEU A 39 22.33 18.09 7.70
CA LEU A 39 21.93 18.44 6.31
C LEU A 39 21.71 19.96 6.21
N THR A 40 21.15 20.56 7.27
CA THR A 40 20.66 21.96 7.33
C THR A 40 21.72 22.86 7.96
N GLY A 41 22.91 22.31 8.24
CA GLY A 41 24.09 23.07 8.69
C GLY A 41 23.97 23.57 10.12
N LYS A 42 22.90 23.24 10.84
CA LYS A 42 22.61 23.80 12.19
C LYS A 42 23.32 22.99 13.28
N THR A 43 24.50 22.43 13.05
CA THR A 43 25.22 21.61 14.07
C THR A 43 26.61 22.18 14.35
N THR A 44 26.98 22.14 15.64
CA THR A 44 28.36 22.21 16.20
C THR A 44 29.24 21.03 15.74
N ASP A 45 28.64 19.90 15.34
CA ASP A 45 29.35 18.64 15.03
C ASP A 45 30.25 18.88 13.81
N LYS A 46 31.12 17.91 13.50
CA LYS A 46 32.02 17.96 12.31
C LYS A 46 31.16 18.11 11.04
N SER A 47 31.70 18.83 10.05
CA SER A 47 31.03 19.04 8.75
C SER A 47 31.38 17.88 7.83
N PRO A 48 30.37 17.19 7.23
CA PRO A 48 30.61 16.11 6.28
C PRO A 48 31.37 16.53 5.02
N PHE A 49 32.11 15.59 4.46
CA PHE A 49 32.90 15.74 3.20
C PHE A 49 32.01 15.37 2.01
N VAL A 50 31.83 16.28 1.04
CA VAL A 50 30.86 16.09 -0.08
C VAL A 50 31.55 15.34 -1.23
N ILE A 51 31.02 14.16 -1.58
CA ILE A 51 31.36 13.43 -2.81
C ILE A 51 30.38 13.83 -3.92
N TYR A 52 30.84 14.64 -4.88
CA TYR A 52 29.96 15.21 -5.93
C TYR A 52 30.49 14.89 -7.33
N ASP A 53 31.72 14.37 -7.47
CA ASP A 53 32.30 13.88 -8.76
C ASP A 53 33.37 12.80 -8.48
N MET A 54 33.98 12.25 -9.52
CA MET A 54 34.94 11.12 -9.39
C MET A 54 36.14 11.56 -8.58
N ASN A 55 36.61 12.80 -8.79
CA ASN A 55 37.75 13.36 -8.03
C ASN A 55 37.39 13.48 -6.54
N SER A 56 36.22 13.98 -6.15
CA SER A 56 35.90 14.19 -4.72
C SER A 56 35.73 12.83 -4.03
N LEU A 57 35.45 11.79 -4.82
CA LEU A 57 35.29 10.39 -4.31
C LEU A 57 36.66 9.82 -3.96
N MET A 58 37.69 10.09 -4.77
CA MET A 58 39.07 9.59 -4.54
C MET A 58 39.53 10.11 -3.18
N MET A 59 39.52 11.44 -3.00
CA MET A 59 39.91 12.14 -1.75
C MET A 59 39.01 11.59 -0.63
N GLY A 60 37.79 11.26 -1.01
CA GLY A 60 36.75 10.75 -0.10
C GLY A 60 37.16 9.41 0.47
N GLU A 61 37.60 8.49 -0.39
CA GLU A 61 38.10 7.17 0.05
C GLU A 61 39.23 7.47 1.05
N ASP A 62 40.03 8.51 0.78
CA ASP A 62 41.11 9.04 1.67
C ASP A 62 40.51 10.11 2.58
N GLN A 75 40.13 -6.19 -2.90
CA GLN A 75 39.49 -4.92 -3.35
C GLN A 75 39.00 -5.12 -4.79
N SER A 76 38.06 -4.28 -5.26
CA SER A 76 37.65 -4.14 -6.68
C SER A 76 38.37 -2.95 -7.30
N LYS A 77 38.55 -2.94 -8.62
CA LYS A 77 39.17 -1.81 -9.36
C LYS A 77 38.06 -0.79 -9.70
N GLU A 78 36.80 -1.21 -9.64
CA GLU A 78 35.69 -0.43 -10.26
C GLU A 78 34.92 0.33 -9.18
N VAL A 79 34.90 1.67 -9.31
CA VAL A 79 34.46 2.61 -8.24
C VAL A 79 32.95 2.38 -8.06
N ALA A 80 32.24 2.03 -9.13
CA ALA A 80 30.78 1.76 -9.09
C ALA A 80 30.53 0.54 -8.17
N ILE A 81 31.27 -0.54 -8.41
CA ILE A 81 31.22 -1.80 -7.61
C ILE A 81 31.56 -1.46 -6.15
N ARG A 82 32.62 -0.67 -5.95
CA ARG A 82 33.22 -0.47 -4.61
C ARG A 82 32.18 0.25 -3.74
N ILE A 83 31.50 1.25 -4.32
CA ILE A 83 30.39 2.01 -3.66
C ILE A 83 29.22 1.06 -3.32
N PHE A 84 28.77 0.25 -4.26
CA PHE A 84 27.73 -0.78 -4.01
C PHE A 84 28.13 -1.69 -2.83
N GLN A 85 29.41 -2.04 -2.71
CA GLN A 85 29.91 -2.91 -1.63
C GLN A 85 29.68 -2.20 -0.30
N GLY A 86 30.17 -0.97 -0.19
CA GLY A 86 29.91 -0.08 0.98
C GLY A 86 28.42 -0.02 1.29
N CYS A 87 27.57 0.17 0.27
CA CYS A 87 26.10 0.20 0.44
C CYS A 87 25.65 -1.13 1.07
N GLN A 88 26.24 -2.25 0.62
CA GLN A 88 25.89 -3.63 1.08
C GLN A 88 26.15 -3.75 2.57
N PHE A 89 27.35 -3.40 3.00
CA PHE A 89 27.79 -3.61 4.41
C PHE A 89 26.87 -2.84 5.35
N ARG A 90 26.55 -1.58 5.03
CA ARG A 90 25.74 -0.70 5.91
C ARG A 90 24.36 -1.35 6.11
N SER A 91 23.92 -2.07 5.09
CA SER A 91 22.59 -2.73 4.97
C SER A 91 22.51 -3.85 6.01
N VAL A 92 23.63 -4.58 6.12
CA VAL A 92 23.84 -5.75 7.02
C VAL A 92 23.71 -5.21 8.43
N GLU A 93 24.46 -4.14 8.70
CA GLU A 93 24.43 -3.39 9.99
C GLU A 93 23.01 -2.89 10.25
N ALA A 94 22.34 -2.33 9.23
CA ALA A 94 20.96 -1.82 9.34
C ALA A 94 20.01 -2.95 9.71
N VAL A 95 20.07 -4.09 9.00
CA VAL A 95 19.23 -5.28 9.29
C VAL A 95 19.38 -5.66 10.78
N GLN A 96 20.60 -5.54 11.29
CA GLN A 96 20.94 -5.87 12.70
C GLN A 96 20.26 -4.89 13.66
N GLU A 97 20.41 -3.60 13.38
CA GLU A 97 19.82 -2.49 14.19
C GLU A 97 18.28 -2.65 14.22
N ILE A 98 17.66 -3.06 13.11
CA ILE A 98 16.17 -3.15 12.96
C ILE A 98 15.67 -4.29 13.84
N THR A 99 16.39 -5.42 13.83
CA THR A 99 16.17 -6.65 14.65
C THR A 99 16.27 -6.35 16.14
N GLU A 100 17.34 -5.67 16.55
CA GLU A 100 17.60 -5.09 17.89
C GLU A 100 16.40 -4.25 18.31
N TYR A 101 15.92 -3.36 17.44
CA TYR A 101 14.77 -2.45 17.72
C TYR A 101 13.56 -3.34 18.01
N ALA A 102 13.26 -4.24 17.06
CA ALA A 102 12.16 -5.23 17.09
C ALA A 102 12.14 -5.97 18.43
N LYS A 103 13.30 -6.18 19.08
CA LYS A 103 13.30 -6.99 20.32
C LYS A 103 12.66 -6.18 21.45
N SER A 104 12.74 -4.86 21.36
CA SER A 104 12.15 -3.92 22.33
C SER A 104 10.70 -3.54 21.97
N ILE A 105 10.05 -4.18 20.98
CA ILE A 105 8.60 -3.92 20.72
C ILE A 105 7.78 -4.87 21.58
N PRO A 106 7.02 -4.38 22.60
CA PRO A 106 6.26 -5.27 23.48
C PRO A 106 5.45 -6.29 22.69
N GLY A 107 5.73 -7.57 22.93
CA GLY A 107 5.02 -8.73 22.35
C GLY A 107 5.91 -9.56 21.44
N PHE A 108 6.96 -8.95 20.87
CA PHE A 108 7.65 -9.45 19.65
C PHE A 108 8.50 -10.67 20.00
N VAL A 109 9.32 -10.58 21.04
CA VAL A 109 10.21 -11.70 21.48
C VAL A 109 9.34 -12.92 21.86
N ASN A 110 8.07 -12.71 22.27
CA ASN A 110 7.13 -13.79 22.73
C ASN A 110 6.53 -14.54 21.54
N LEU A 111 6.53 -13.95 20.34
CA LEU A 111 5.98 -14.60 19.10
C LEU A 111 6.86 -15.81 18.75
N ASP A 112 6.26 -16.90 18.24
CA ASP A 112 6.94 -18.02 17.54
C ASP A 112 8.20 -17.49 16.83
N LEU A 113 9.36 -18.05 17.18
CA LEU A 113 10.67 -17.62 16.65
C LEU A 113 10.58 -17.54 15.13
N ASN A 114 9.97 -18.53 14.46
CA ASN A 114 9.97 -18.56 12.97
C ASN A 114 9.25 -17.31 12.48
N ASP A 115 8.18 -16.90 13.17
CA ASP A 115 7.34 -15.75 12.73
C ASP A 115 8.13 -14.45 12.92
N GLN A 116 8.91 -14.36 14.01
CA GLN A 116 9.79 -13.20 14.27
C GLN A 116 10.66 -13.00 13.04
N VAL A 117 10.95 -14.09 12.33
CA VAL A 117 12.03 -14.11 11.29
C VAL A 117 11.43 -13.67 9.97
N THR A 118 10.24 -14.16 9.66
CA THR A 118 9.49 -13.77 8.45
C THR A 118 9.19 -12.27 8.49
N LEU A 119 8.83 -11.77 9.68
CA LEU A 119 8.47 -10.35 9.93
C LEU A 119 9.65 -9.46 9.55
N LEU A 120 10.81 -9.76 10.13
CA LEU A 120 12.06 -8.99 9.91
C LEU A 120 12.53 -9.25 8.48
N LYS A 121 12.49 -10.51 8.03
CA LYS A 121 12.88 -10.90 6.65
C LYS A 121 12.18 -9.92 5.69
N TYR A 122 10.85 -9.96 5.68
CA TYR A 122 9.99 -9.25 4.70
C TYR A 122 9.79 -7.78 5.07
N GLY A 123 10.46 -7.24 6.09
CA GLY A 123 10.20 -5.88 6.59
C GLY A 123 11.41 -4.97 6.53
N VAL A 124 12.59 -5.55 6.46
CA VAL A 124 13.85 -4.79 6.71
C VAL A 124 14.04 -3.83 5.53
N HIS A 125 13.66 -4.26 4.35
CA HIS A 125 13.84 -3.49 3.09
C HIS A 125 12.90 -2.28 3.11
N GLU A 126 11.69 -2.43 3.66
CA GLU A 126 10.75 -1.29 3.79
C GLU A 126 11.29 -0.33 4.87
N ILE A 127 11.90 -0.88 5.90
CA ILE A 127 12.43 -0.02 7.01
C ILE A 127 13.72 0.68 6.56
N ILE A 128 14.48 0.06 5.66
CA ILE A 128 15.73 0.67 5.13
C ILE A 128 15.36 1.89 4.27
N TYR A 129 14.30 1.81 3.45
CA TYR A 129 13.85 2.95 2.61
C TYR A 129 13.50 4.14 3.51
N THR A 130 12.72 3.87 4.56
CA THR A 130 12.28 4.85 5.60
C THR A 130 13.48 5.52 6.28
N MET A 131 14.40 4.72 6.83
CA MET A 131 15.58 5.29 7.54
C MET A 131 16.43 6.12 6.58
N LEU A 132 16.60 5.66 5.33
CA LEU A 132 17.35 6.45 4.32
C LEU A 132 16.73 7.85 4.21
N ALA A 133 15.42 8.00 3.98
CA ALA A 133 14.77 9.32 3.83
C ALA A 133 15.33 10.27 4.90
N SER A 134 15.48 9.78 6.14
CA SER A 134 15.99 10.54 7.32
C SER A 134 17.38 11.13 7.00
N LEU A 135 18.16 10.44 6.21
CA LEU A 135 19.54 10.83 5.85
C LEU A 135 19.59 11.56 4.52
N MET A 136 18.44 11.95 3.93
CA MET A 136 18.40 12.50 2.54
C MET A 136 17.73 13.87 2.49
N ASN A 137 18.32 14.74 1.67
CA ASN A 137 17.68 15.97 1.12
C ASN A 137 17.73 15.91 -0.41
N LYS A 138 17.44 17.00 -1.11
CA LYS A 138 17.30 16.99 -2.60
C LYS A 138 18.71 16.79 -3.21
N ASP A 139 19.76 17.12 -2.46
CA ASP A 139 21.15 17.07 -2.95
C ASP A 139 21.77 15.68 -2.79
N GLY A 140 21.31 14.82 -1.88
CA GLY A 140 21.97 13.51 -1.69
C GLY A 140 21.68 12.84 -0.35
N VAL A 141 22.63 12.03 0.12
CA VAL A 141 22.49 11.17 1.34
C VAL A 141 23.80 11.22 2.19
N LEU A 142 23.62 11.45 3.49
CA LEU A 142 24.67 11.32 4.51
C LEU A 142 25.19 9.88 4.51
N ILE A 143 26.50 9.70 4.59
CA ILE A 143 27.16 8.36 4.62
C ILE A 143 28.10 8.39 5.83
N SER A 144 28.59 7.23 6.24
CA SER A 144 29.65 7.06 7.28
C SER A 144 29.30 7.82 8.55
N GLU A 145 28.09 7.61 9.06
CA GLU A 145 27.57 8.20 10.33
C GLU A 145 27.73 9.72 10.29
N GLY A 146 27.37 10.36 9.18
CA GLY A 146 27.35 11.82 9.06
C GLY A 146 28.71 12.37 8.69
N GLN A 147 29.68 11.49 8.46
CA GLN A 147 31.06 11.96 8.20
C GLN A 147 31.17 12.32 6.72
N GLY A 148 30.20 11.89 5.92
CA GLY A 148 30.24 12.12 4.46
C GLY A 148 28.86 12.36 3.90
N PHE A 149 28.81 12.90 2.70
CA PHE A 149 27.59 13.23 1.94
C PHE A 149 27.88 12.89 0.48
N MET A 150 27.05 12.06 -0.14
CA MET A 150 27.12 11.67 -1.57
C MET A 150 25.89 12.19 -2.30
N THR A 151 26.10 13.02 -3.33
CA THR A 151 25.07 13.80 -4.09
C THR A 151 24.24 12.84 -4.91
N ARG A 152 22.96 13.14 -5.05
CA ARG A 152 21.99 12.28 -5.78
C ARG A 152 22.47 12.09 -7.22
N GLU A 153 22.96 13.16 -7.84
CA GLU A 153 23.22 13.20 -9.30
C GLU A 153 24.50 12.43 -9.61
N PHE A 154 25.44 12.35 -8.66
CA PHE A 154 26.71 11.60 -8.82
C PHE A 154 26.42 10.09 -8.73
N LEU A 155 25.64 9.66 -7.73
CA LEU A 155 25.18 8.25 -7.63
C LEU A 155 24.50 7.89 -8.95
N LYS A 156 23.68 8.79 -9.52
CA LYS A 156 23.02 8.61 -10.83
C LYS A 156 24.10 8.46 -11.91
N SER A 157 25.26 9.11 -11.73
CA SER A 157 26.33 9.14 -12.73
C SER A 157 27.11 7.81 -12.81
N LEU A 158 26.78 6.79 -11.99
CA LEU A 158 27.50 5.48 -12.02
C LEU A 158 26.96 4.66 -13.20
N ARG A 159 27.77 3.81 -13.82
CA ARG A 159 27.34 3.04 -15.03
C ARG A 159 26.12 2.15 -14.65
N LYS A 160 25.38 1.66 -15.63
CA LYS A 160 24.31 0.67 -15.39
C LYS A 160 24.95 -0.62 -14.85
N PRO A 161 24.27 -1.39 -13.97
CA PRO A 161 22.95 -1.06 -13.44
C PRO A 161 22.93 -0.29 -12.10
N PHE A 162 24.07 0.28 -11.70
CA PHE A 162 24.30 0.91 -10.38
C PHE A 162 23.76 2.34 -10.37
N GLY A 163 23.99 3.12 -11.44
CA GLY A 163 23.47 4.49 -11.61
C GLY A 163 22.02 4.69 -11.14
N ASP A 164 21.16 3.66 -11.28
CA ASP A 164 19.69 3.72 -11.01
C ASP A 164 19.34 3.12 -9.65
N PHE A 165 20.28 2.54 -8.91
CA PHE A 165 19.98 1.72 -7.72
C PHE A 165 19.28 2.56 -6.66
N MET A 166 19.83 3.75 -6.37
CA MET A 166 19.38 4.63 -5.26
C MET A 166 18.27 5.58 -5.71
N GLU A 167 18.02 5.77 -7.00
CA GLU A 167 17.08 6.80 -7.50
C GLU A 167 15.67 6.58 -6.97
N PRO A 168 15.17 5.33 -6.84
CA PRO A 168 13.84 5.11 -6.27
C PRO A 168 13.76 5.44 -4.77
N LYS A 169 14.92 5.36 -4.10
CA LYS A 169 15.10 5.76 -2.69
C LYS A 169 14.87 7.27 -2.60
N PHE A 170 15.43 8.02 -3.54
CA PHE A 170 15.37 9.50 -3.54
C PHE A 170 13.93 9.87 -3.86
N GLU A 171 13.34 9.18 -4.84
CA GLU A 171 11.94 9.44 -5.25
C GLU A 171 11.05 9.30 -4.00
N PHE A 172 11.10 8.14 -3.33
CA PHE A 172 10.34 7.86 -2.09
C PHE A 172 10.66 8.92 -1.02
N ALA A 173 11.94 9.27 -0.85
CA ALA A 173 12.44 10.11 0.26
C ALA A 173 11.99 11.56 0.07
N VAL A 174 12.03 12.06 -1.18
CA VAL A 174 11.50 13.41 -1.55
C VAL A 174 10.07 13.54 -1.05
N LYS A 175 9.15 12.60 -1.32
CA LYS A 175 7.71 12.86 -0.98
C LYS A 175 7.47 12.55 0.51
N PHE A 176 8.11 11.51 1.04
CA PHE A 176 8.03 11.12 2.48
C PHE A 176 8.50 12.26 3.39
N ASN A 177 9.68 12.79 3.13
CA ASN A 177 10.27 13.84 4.00
C ASN A 177 9.33 15.05 4.01
N ALA A 178 8.53 15.24 2.96
CA ALA A 178 7.58 16.37 2.84
C ALA A 178 6.50 16.27 3.93
N LEU A 179 6.22 15.07 4.44
CA LEU A 179 5.30 14.84 5.60
C LEU A 179 5.90 15.38 6.92
N GLU A 180 7.21 15.62 6.99
CA GLU A 180 7.95 16.17 8.16
C GLU A 180 7.66 15.29 9.40
N LEU A 181 7.97 14.00 9.30
CA LEU A 181 7.89 13.09 10.46
C LEU A 181 9.14 13.27 11.31
N ASP A 182 9.02 13.17 12.62
CA ASP A 182 10.17 13.19 13.56
C ASP A 182 10.38 11.77 14.11
N ASP A 183 11.34 11.63 15.02
CA ASP A 183 11.79 10.33 15.62
C ASP A 183 10.67 9.66 16.41
N SER A 184 9.86 10.43 17.14
CA SER A 184 8.70 9.92 17.92
C SER A 184 7.70 9.24 17.00
N ASP A 185 7.40 9.86 15.85
CA ASP A 185 6.47 9.31 14.83
C ASP A 185 7.13 8.09 14.19
N LEU A 186 8.37 8.23 13.73
CA LEU A 186 9.07 7.20 12.91
C LEU A 186 9.19 5.88 13.68
N ALA A 187 9.54 5.90 14.97
CA ALA A 187 9.74 4.70 15.82
C ALA A 187 8.50 3.81 15.74
N ILE A 188 7.34 4.42 15.81
CA ILE A 188 6.05 3.71 15.90
C ILE A 188 5.59 3.39 14.46
N PHE A 189 5.93 4.22 13.47
CA PHE A 189 5.78 3.90 12.03
C PHE A 189 6.45 2.57 11.73
N ILE A 190 7.70 2.42 12.19
CA ILE A 190 8.60 1.27 11.90
C ILE A 190 8.08 0.01 12.61
N ALA A 191 7.71 0.13 13.88
CA ALA A 191 7.04 -0.92 14.69
C ALA A 191 5.73 -1.38 14.01
N VAL A 192 4.93 -0.46 13.45
CA VAL A 192 3.69 -0.86 12.74
C VAL A 192 4.10 -1.74 11.56
N ILE A 193 5.10 -1.35 10.77
CA ILE A 193 5.57 -2.14 9.57
C ILE A 193 6.00 -3.56 9.98
N ILE A 194 6.89 -3.66 10.95
CA ILE A 194 7.48 -4.96 11.40
C ILE A 194 6.36 -5.93 11.78
N LEU A 195 5.28 -5.48 12.40
CA LEU A 195 4.18 -6.38 12.81
C LEU A 195 3.00 -6.35 11.82
N SER A 196 3.30 -6.65 10.54
CA SER A 196 2.36 -6.78 9.39
C SER A 196 1.90 -8.24 9.22
N GLY A 197 0.63 -8.50 9.50
CA GLY A 197 0.07 -9.85 9.66
C GLY A 197 -0.15 -10.53 8.32
N ASP A 198 0.38 -9.98 7.22
CA ASP A 198 0.16 -10.47 5.83
C ASP A 198 1.48 -10.97 5.21
N ARG A 199 2.58 -11.03 5.97
CA ARG A 199 3.86 -11.50 5.40
C ARG A 199 3.70 -12.99 5.08
N PRO A 200 4.21 -13.46 3.92
CA PRO A 200 3.97 -14.82 3.48
C PRO A 200 4.55 -15.82 4.48
N GLY A 201 3.80 -16.89 4.78
CA GLY A 201 4.24 -18.07 5.56
C GLY A 201 4.31 -17.81 7.04
N LEU A 202 3.31 -17.15 7.59
CA LEU A 202 3.32 -16.67 9.00
C LEU A 202 2.44 -17.66 9.78
N LEU A 203 3.01 -18.42 10.73
CA LEU A 203 2.36 -19.56 11.47
C LEU A 203 1.24 -19.09 12.39
N ASN A 204 1.42 -17.99 13.13
CA ASN A 204 0.42 -17.48 14.10
C ASN A 204 0.13 -16.00 13.83
N VAL A 205 -0.86 -15.74 12.97
CA VAL A 205 -1.18 -14.38 12.43
C VAL A 205 -1.90 -13.59 13.51
N LYS A 206 -2.95 -14.17 14.07
CA LYS A 206 -3.90 -13.52 15.02
C LYS A 206 -3.10 -12.76 16.09
N PRO A 207 -2.03 -13.35 16.67
CA PRO A 207 -1.19 -12.68 17.65
C PRO A 207 -0.37 -11.46 17.17
N ILE A 208 0.12 -11.52 15.94
CA ILE A 208 0.85 -10.39 15.27
C ILE A 208 -0.11 -9.21 15.11
N GLU A 209 -1.29 -9.47 14.56
CA GLU A 209 -2.35 -8.46 14.30
C GLU A 209 -2.79 -7.80 15.62
N ASP A 210 -2.67 -8.49 16.75
CA ASP A 210 -3.02 -7.95 18.08
C ASP A 210 -1.97 -6.92 18.52
N ILE A 211 -0.70 -7.17 18.22
CA ILE A 211 0.35 -6.21 18.58
C ILE A 211 0.17 -5.02 17.65
N GLN A 212 -0.04 -5.28 16.35
CA GLN A 212 -0.21 -4.21 15.33
C GLN A 212 -1.41 -3.33 15.66
N ASP A 213 -2.54 -3.88 16.12
CA ASP A 213 -3.71 -3.03 16.47
C ASP A 213 -3.28 -2.04 17.57
N ASN A 214 -2.63 -2.52 18.63
CA ASN A 214 -2.13 -1.64 19.73
C ASN A 214 -1.18 -0.58 19.15
N LEU A 215 -0.27 -1.00 18.24
CA LEU A 215 0.73 -0.10 17.63
C LEU A 215 0.02 0.96 16.79
N LEU A 216 -1.03 0.57 16.05
CA LEU A 216 -1.81 1.50 15.16
C LEU A 216 -2.55 2.55 15.96
N GLN A 217 -3.08 2.21 17.12
CA GLN A 217 -3.68 3.23 18.04
C GLN A 217 -2.57 4.15 18.54
N ALA A 218 -1.39 3.59 18.83
CA ALA A 218 -0.29 4.40 19.39
C ALA A 218 0.19 5.41 18.34
N LEU A 219 0.16 4.98 17.07
CA LEU A 219 0.54 5.78 15.89
C LEU A 219 -0.48 6.93 15.71
N GLU A 220 -1.77 6.64 15.60
CA GLU A 220 -2.86 7.66 15.39
C GLU A 220 -2.77 8.76 16.45
N LEU A 221 -2.77 8.39 17.74
CA LEU A 221 -2.68 9.34 18.88
C LEU A 221 -1.44 10.21 18.68
N GLN A 222 -0.30 9.58 18.40
CA GLN A 222 0.99 10.28 18.16
C GLN A 222 0.76 11.37 17.12
N LEU A 223 0.39 10.98 15.90
CA LEU A 223 0.26 11.92 14.76
C LEU A 223 -0.76 13.01 15.08
N LYS A 224 -1.87 12.70 15.73
CA LYS A 224 -2.88 13.75 16.08
C LYS A 224 -2.20 14.77 17.02
N LEU A 225 -1.49 14.32 18.05
CA LEU A 225 -0.88 15.23 19.04
C LEU A 225 0.26 16.00 18.35
N ASN A 226 0.97 15.37 17.43
CA ASN A 226 2.25 15.92 16.93
C ASN A 226 2.07 16.71 15.62
N HIS A 227 0.91 16.66 14.96
CA HIS A 227 0.74 17.19 13.57
C HIS A 227 -0.63 17.82 13.41
N PRO A 228 -0.80 19.04 13.97
CA PRO A 228 -2.07 19.75 13.94
C PRO A 228 -2.47 20.15 12.53
N GLU A 229 -1.53 20.23 11.58
CA GLU A 229 -1.86 20.76 10.23
C GLU A 229 -2.11 19.60 9.26
N SER A 230 -1.93 18.37 9.70
CA SER A 230 -2.10 17.17 8.86
C SER A 230 -3.17 16.25 9.49
N SER A 231 -4.43 16.51 9.16
CA SER A 231 -5.65 15.94 9.80
C SER A 231 -5.77 14.44 9.53
N GLN A 232 -5.38 14.01 8.32
CA GLN A 232 -5.42 12.59 7.88
C GLN A 232 -4.01 12.07 7.61
N LEU A 233 -3.02 12.46 8.42
CA LEU A 233 -1.61 11.99 8.24
C LEU A 233 -1.52 10.49 8.56
N PHE A 234 -2.26 10.00 9.52
CA PHE A 234 -2.36 8.55 9.82
C PHE A 234 -2.75 7.78 8.55
N ALA A 235 -3.87 8.16 7.93
CA ALA A 235 -4.30 7.59 6.63
C ALA A 235 -3.14 7.61 5.62
N LYS A 236 -2.36 8.68 5.52
CA LYS A 236 -1.32 8.86 4.46
C LYS A 236 -0.01 8.16 4.80
N LEU A 237 0.21 7.84 6.08
CA LEU A 237 1.30 6.93 6.53
C LEU A 237 0.92 5.49 6.17
N LEU A 238 -0.37 5.15 6.17
CA LEU A 238 -0.79 3.79 5.76
C LEU A 238 -0.60 3.65 4.23
N GLN A 239 -1.00 4.65 3.44
CA GLN A 239 -0.74 4.69 1.96
C GLN A 239 0.75 4.47 1.70
N LYS A 240 1.63 5.08 2.50
CA LYS A 240 3.10 4.91 2.37
C LYS A 240 3.45 3.45 2.62
N MET A 241 2.95 2.86 3.71
CA MET A 241 3.24 1.43 4.06
C MET A 241 2.82 0.52 2.90
N THR A 242 1.80 0.94 2.14
CA THR A 242 1.37 0.32 0.86
C THR A 242 2.40 0.63 -0.24
N ASP A 243 2.67 1.90 -0.53
CA ASP A 243 3.70 2.32 -1.49
C ASP A 243 4.92 1.41 -1.36
N LEU A 244 5.41 1.27 -0.13
CA LEU A 244 6.68 0.56 0.22
C LEU A 244 6.63 -0.92 -0.18
N ARG A 245 5.47 -1.55 -0.37
CA ARG A 245 5.40 -2.98 -0.81
C ARG A 245 5.93 -3.13 -2.24
N GLN A 246 5.36 -2.41 -3.21
CA GLN A 246 5.80 -2.44 -4.63
C GLN A 246 7.23 -1.89 -4.77
N ILE A 247 7.64 -0.95 -3.91
CA ILE A 247 8.98 -0.29 -4.00
C ILE A 247 10.05 -1.37 -3.76
N VAL A 248 9.89 -2.10 -2.66
CA VAL A 248 10.81 -3.14 -2.14
C VAL A 248 10.85 -4.31 -3.12
N THR A 249 9.73 -4.62 -3.78
CA THR A 249 9.64 -5.59 -4.90
C THR A 249 10.61 -5.17 -6.01
N GLU A 250 10.37 -3.99 -6.60
CA GLU A 250 11.24 -3.34 -7.61
C GLU A 250 12.71 -3.35 -7.18
N HIS A 251 13.02 -3.14 -5.88
CA HIS A 251 14.39 -3.14 -5.30
C HIS A 251 14.95 -4.57 -5.26
N VAL A 252 14.22 -5.47 -4.64
CA VAL A 252 14.48 -6.94 -4.67
C VAL A 252 14.74 -7.44 -6.10
N GLN A 253 14.01 -6.98 -7.10
CA GLN A 253 14.06 -7.70 -8.41
C GLN A 253 15.24 -7.18 -9.23
N LEU A 254 15.62 -5.91 -9.06
CA LEU A 254 16.83 -5.34 -9.70
C LEU A 254 18.09 -5.78 -8.91
N LEU A 255 17.95 -6.01 -7.60
CA LEU A 255 19.04 -6.46 -6.70
C LEU A 255 19.48 -7.89 -7.04
N GLN A 256 18.70 -8.62 -7.85
CA GLN A 256 19.10 -9.97 -8.32
C GLN A 256 19.72 -9.84 -9.70
N VAL A 257 19.22 -8.89 -10.51
CA VAL A 257 19.85 -8.50 -11.80
C VAL A 257 21.35 -8.35 -11.56
N ILE A 258 21.72 -7.57 -10.53
CA ILE A 258 23.15 -7.31 -10.15
C ILE A 258 23.80 -8.64 -9.71
N LYS A 259 23.08 -9.52 -9.03
CA LYS A 259 23.66 -10.83 -8.63
C LYS A 259 23.95 -11.67 -9.89
N LYS A 260 23.18 -11.48 -10.96
CA LYS A 260 23.29 -12.27 -12.21
C LYS A 260 24.33 -11.69 -13.17
N THR A 261 24.63 -10.38 -13.10
CA THR A 261 25.45 -9.68 -14.13
C THR A 261 26.78 -9.14 -13.58
N GLU A 262 27.06 -9.27 -12.29
CA GLU A 262 28.26 -8.65 -11.67
C GLU A 262 29.01 -9.72 -10.88
N THR A 263 29.68 -10.63 -11.60
CA THR A 263 30.55 -11.71 -11.06
C THR A 263 29.88 -12.42 -9.87
N LEU B 6 -23.11 16.04 16.84
CA LEU B 6 -22.08 16.32 15.78
C LEU B 6 -22.09 17.83 15.44
N ASN B 7 -20.95 18.51 15.58
CA ASN B 7 -20.77 19.95 15.23
C ASN B 7 -21.00 20.15 13.71
N PRO B 8 -21.14 21.40 13.19
CA PRO B 8 -21.30 21.62 11.73
C PRO B 8 -20.22 21.01 10.81
N GLU B 9 -19.04 20.66 11.33
CA GLU B 9 -18.02 19.87 10.58
C GLU B 9 -18.49 18.42 10.36
N SER B 10 -18.89 17.72 11.43
CA SER B 10 -19.23 16.27 11.39
C SER B 10 -20.56 16.05 10.63
N ALA B 11 -21.45 17.05 10.63
CA ALA B 11 -22.72 16.98 9.88
C ALA B 11 -22.45 16.95 8.37
N ASP B 12 -21.52 17.78 7.89
CA ASP B 12 -21.21 17.92 6.45
C ASP B 12 -20.60 16.62 5.94
N LEU B 13 -19.84 15.92 6.79
CA LEU B 13 -19.27 14.56 6.48
C LEU B 13 -20.35 13.49 6.41
N ARG B 14 -21.48 13.63 7.09
CA ARG B 14 -22.63 12.68 6.95
C ARG B 14 -23.33 12.97 5.61
N ALA B 15 -23.54 14.25 5.31
CA ALA B 15 -24.21 14.76 4.09
C ALA B 15 -23.46 14.29 2.85
N LEU B 16 -22.14 14.43 2.90
CA LEU B 16 -21.19 13.95 1.89
C LEU B 16 -21.29 12.42 1.77
N ALA B 17 -21.31 11.72 2.90
CA ALA B 17 -21.40 10.25 2.98
C ALA B 17 -22.69 9.78 2.30
N LYS B 18 -23.79 10.46 2.61
CA LYS B 18 -25.17 10.12 2.14
C LYS B 18 -25.26 10.44 0.65
N HIS B 19 -24.69 11.57 0.23
CA HIS B 19 -24.63 12.02 -1.18
C HIS B 19 -23.96 10.95 -2.05
N LEU B 20 -22.84 10.43 -1.56
CA LEU B 20 -22.02 9.40 -2.22
C LEU B 20 -22.82 8.11 -2.30
N TYR B 21 -23.37 7.63 -1.19
CA TYR B 21 -24.27 6.45 -1.17
C TYR B 21 -25.30 6.62 -2.31
N ASP B 22 -26.17 7.64 -2.24
CA ASP B 22 -27.28 7.87 -3.23
C ASP B 22 -26.79 7.75 -4.68
N SER B 23 -25.68 8.40 -5.04
CA SER B 23 -25.00 8.28 -6.36
C SER B 23 -24.60 6.81 -6.57
N TYR B 24 -24.08 6.13 -5.53
CA TYR B 24 -23.53 4.75 -5.62
C TYR B 24 -24.66 3.77 -6.00
N ILE B 25 -25.77 3.80 -5.26
CA ILE B 25 -27.04 3.08 -5.58
C ILE B 25 -27.50 3.32 -7.04
N LYS B 26 -27.33 4.53 -7.56
CA LYS B 26 -27.73 4.91 -8.93
C LYS B 26 -26.78 4.32 -9.99
N SER B 27 -25.48 4.21 -9.71
CA SER B 27 -24.49 3.67 -10.69
C SER B 27 -24.46 2.14 -10.67
N PHE B 28 -24.72 1.53 -9.51
CA PHE B 28 -24.57 0.09 -9.23
C PHE B 28 -25.90 -0.45 -8.72
N PRO B 29 -26.82 -0.78 -9.65
CA PRO B 29 -28.13 -1.34 -9.27
C PRO B 29 -28.08 -2.63 -8.45
N LEU B 30 -27.17 -3.57 -8.75
CA LEU B 30 -26.95 -4.76 -7.86
C LEU B 30 -25.95 -4.37 -6.78
N THR B 31 -26.45 -4.21 -5.56
CA THR B 31 -25.70 -3.68 -4.38
C THR B 31 -25.20 -4.87 -3.56
N LYS B 32 -24.29 -4.63 -2.63
CA LYS B 32 -23.87 -5.67 -1.65
C LYS B 32 -25.10 -6.12 -0.84
N ALA B 33 -25.99 -5.21 -0.48
CA ALA B 33 -27.29 -5.58 0.12
C ALA B 33 -27.92 -6.70 -0.72
N LYS B 34 -28.25 -6.41 -1.98
CA LYS B 34 -28.97 -7.37 -2.85
C LYS B 34 -28.09 -8.60 -3.10
N ALA B 35 -26.79 -8.40 -3.31
CA ALA B 35 -25.88 -9.54 -3.58
C ALA B 35 -25.98 -10.49 -2.39
N ARG B 36 -25.86 -9.97 -1.15
CA ARG B 36 -25.88 -10.79 0.11
C ARG B 36 -27.26 -11.43 0.30
N ALA B 37 -28.33 -10.83 -0.24
CA ALA B 37 -29.71 -11.33 -0.11
C ALA B 37 -29.85 -12.62 -0.94
N ILE B 38 -29.38 -12.58 -2.18
CA ILE B 38 -29.45 -13.70 -3.17
C ILE B 38 -28.53 -14.83 -2.69
N LEU B 39 -27.35 -14.47 -2.18
CA LEU B 39 -26.28 -15.43 -1.81
C LEU B 39 -26.62 -16.15 -0.49
N THR B 40 -27.54 -15.65 0.35
CA THR B 40 -28.02 -16.35 1.57
C THR B 40 -29.39 -16.96 1.32
N GLY B 41 -29.89 -16.89 0.07
CA GLY B 41 -31.24 -17.29 -0.34
C GLY B 41 -32.33 -16.64 0.50
N LYS B 42 -32.19 -15.33 0.76
CA LYS B 42 -33.16 -14.52 1.56
C LYS B 42 -34.05 -13.71 0.61
N THR B 43 -34.79 -14.39 -0.28
CA THR B 43 -35.58 -13.76 -1.39
C THR B 43 -36.45 -14.81 -2.10
N LYS B 46 -35.98 -14.87 -7.94
CA LYS B 46 -36.31 -16.00 -7.02
C LYS B 46 -35.02 -16.48 -6.33
N SER B 47 -34.04 -16.95 -7.11
CA SER B 47 -32.89 -17.80 -6.67
C SER B 47 -31.97 -18.08 -7.85
N PRO B 48 -30.64 -17.90 -7.68
CA PRO B 48 -29.71 -17.97 -8.80
C PRO B 48 -29.52 -19.40 -9.34
N PHE B 49 -29.18 -19.50 -10.63
CA PHE B 49 -28.94 -20.78 -11.35
C PHE B 49 -27.44 -21.09 -11.30
N VAL B 50 -27.06 -22.11 -10.55
CA VAL B 50 -25.64 -22.48 -10.30
C VAL B 50 -25.04 -22.98 -11.61
N ILE B 51 -23.75 -22.71 -11.84
CA ILE B 51 -22.98 -23.28 -12.96
C ILE B 51 -21.70 -23.89 -12.37
N TYR B 52 -21.68 -25.22 -12.19
CA TYR B 52 -20.62 -25.99 -11.49
C TYR B 52 -19.90 -26.93 -12.46
N ASP B 53 -20.34 -27.03 -13.72
CA ASP B 53 -19.60 -27.74 -14.80
C ASP B 53 -20.12 -27.30 -16.18
N MET B 54 -19.44 -27.79 -17.23
CA MET B 54 -19.62 -27.42 -18.67
C MET B 54 -21.05 -27.70 -19.11
N ASN B 55 -21.61 -28.85 -18.70
CA ASN B 55 -23.05 -29.21 -18.91
C ASN B 55 -23.88 -28.03 -18.37
N SER B 56 -23.99 -27.89 -17.05
CA SER B 56 -24.78 -26.84 -16.33
C SER B 56 -24.61 -25.47 -17.01
N LEU B 57 -23.41 -25.18 -17.54
CA LEU B 57 -23.12 -23.89 -18.22
C LEU B 57 -24.10 -23.71 -19.37
N MET B 58 -23.95 -24.54 -20.42
CA MET B 58 -24.79 -24.52 -21.65
C MET B 58 -26.27 -24.60 -21.23
N MET B 59 -26.56 -25.28 -20.12
CA MET B 59 -27.93 -25.52 -19.60
C MET B 59 -28.53 -24.22 -19.06
N GLY B 60 -27.72 -23.35 -18.43
CA GLY B 60 -28.18 -22.04 -17.93
C GLY B 60 -28.52 -21.09 -19.07
N GLU B 61 -27.75 -21.17 -20.15
CA GLU B 61 -27.83 -20.27 -21.34
C GLU B 61 -29.16 -20.52 -22.07
N GLU B 78 -14.58 -22.02 -27.98
CA GLU B 78 -13.85 -22.41 -26.75
C GLU B 78 -14.58 -21.77 -25.56
N VAL B 79 -14.65 -22.49 -24.43
CA VAL B 79 -15.53 -22.14 -23.27
C VAL B 79 -14.78 -21.18 -22.35
N ALA B 80 -13.54 -21.52 -21.96
CA ALA B 80 -12.54 -20.57 -21.44
C ALA B 80 -12.74 -19.23 -22.13
N ILE B 81 -12.63 -19.19 -23.46
CA ILE B 81 -12.63 -17.91 -24.23
C ILE B 81 -13.99 -17.26 -24.07
N ARG B 82 -15.08 -17.97 -24.33
CA ARG B 82 -16.45 -17.39 -24.28
C ARG B 82 -16.68 -16.73 -22.91
N ILE B 83 -16.12 -17.27 -21.83
CA ILE B 83 -16.29 -16.74 -20.45
C ILE B 83 -15.47 -15.45 -20.27
N PHE B 84 -14.18 -15.49 -20.65
CA PHE B 84 -13.27 -14.33 -20.69
C PHE B 84 -13.92 -13.22 -21.53
N GLN B 85 -14.63 -13.59 -22.58
CA GLN B 85 -15.27 -12.64 -23.53
C GLN B 85 -16.26 -11.81 -22.72
N GLY B 86 -17.20 -12.51 -22.07
CA GLY B 86 -18.20 -11.95 -21.13
C GLY B 86 -17.54 -11.16 -20.02
N CYS B 87 -16.62 -11.80 -19.30
CA CYS B 87 -15.84 -11.15 -18.21
C CYS B 87 -15.40 -9.75 -18.68
N GLN B 88 -14.76 -9.71 -19.87
CA GLN B 88 -14.21 -8.51 -20.56
C GLN B 88 -15.34 -7.49 -20.88
N PHE B 89 -16.42 -7.93 -21.51
CA PHE B 89 -17.58 -7.09 -21.89
C PHE B 89 -18.24 -6.51 -20.63
N ARG B 90 -18.32 -7.31 -19.56
CA ARG B 90 -18.85 -6.91 -18.23
C ARG B 90 -17.91 -5.88 -17.59
N SER B 91 -16.60 -6.05 -17.75
CA SER B 91 -15.55 -5.14 -17.21
C SER B 91 -15.73 -3.77 -17.85
N VAL B 92 -16.06 -3.72 -19.15
CA VAL B 92 -16.18 -2.46 -19.92
C VAL B 92 -17.29 -1.64 -19.27
N GLU B 93 -18.45 -2.27 -19.13
CA GLU B 93 -19.67 -1.69 -18.50
C GLU B 93 -19.32 -1.24 -17.09
N ALA B 94 -18.38 -1.92 -16.41
CA ALA B 94 -17.97 -1.57 -15.04
C ALA B 94 -17.18 -0.25 -15.08
N VAL B 95 -16.31 -0.07 -16.08
CA VAL B 95 -15.50 1.17 -16.28
C VAL B 95 -16.45 2.40 -16.37
N GLN B 96 -17.58 2.27 -17.04
CA GLN B 96 -18.56 3.34 -17.35
C GLN B 96 -19.41 3.63 -16.11
N GLU B 97 -19.93 2.61 -15.44
CA GLU B 97 -20.66 2.79 -14.16
C GLU B 97 -19.73 3.62 -13.24
N ILE B 98 -18.50 3.14 -12.99
CA ILE B 98 -17.49 3.81 -12.10
C ILE B 98 -17.17 5.22 -12.61
N THR B 99 -16.97 5.40 -13.91
CA THR B 99 -16.79 6.74 -14.55
C THR B 99 -18.02 7.60 -14.21
N GLU B 100 -19.21 7.03 -14.26
CA GLU B 100 -20.45 7.80 -13.99
C GLU B 100 -20.41 8.15 -12.50
N TYR B 101 -20.02 7.21 -11.62
CA TYR B 101 -20.01 7.45 -10.15
C TYR B 101 -18.97 8.54 -9.78
N ALA B 102 -17.79 8.52 -10.43
CA ALA B 102 -16.70 9.47 -10.18
C ALA B 102 -17.24 10.89 -10.43
N LYS B 103 -18.17 11.03 -11.37
CA LYS B 103 -18.71 12.37 -11.76
C LYS B 103 -19.44 13.01 -10.58
N SER B 104 -20.10 12.21 -9.73
CA SER B 104 -20.89 12.68 -8.57
C SER B 104 -20.01 13.08 -7.38
N ILE B 105 -18.72 12.77 -7.40
CA ILE B 105 -17.80 13.05 -6.26
C ILE B 105 -17.47 14.53 -6.27
N PRO B 106 -17.95 15.33 -5.30
CA PRO B 106 -17.70 16.77 -5.31
C PRO B 106 -16.24 17.19 -5.59
N GLY B 107 -16.07 18.02 -6.61
CA GLY B 107 -14.78 18.63 -6.94
C GLY B 107 -14.06 17.88 -8.03
N PHE B 108 -14.42 16.60 -8.24
CA PHE B 108 -13.88 15.70 -9.29
C PHE B 108 -13.98 16.31 -10.71
N VAL B 109 -15.18 16.71 -11.17
CA VAL B 109 -15.36 17.31 -12.54
C VAL B 109 -14.69 18.68 -12.62
N ASN B 110 -14.41 19.34 -11.50
CA ASN B 110 -13.65 20.62 -11.53
C ASN B 110 -12.16 20.37 -11.75
N LEU B 111 -11.66 19.16 -11.54
CA LEU B 111 -10.24 18.85 -11.83
C LEU B 111 -10.06 18.93 -13.35
N ASP B 112 -8.80 18.91 -13.76
CA ASP B 112 -8.34 18.94 -15.16
C ASP B 112 -8.69 17.58 -15.81
N LEU B 113 -9.39 17.61 -16.96
CA LEU B 113 -9.97 16.39 -17.61
C LEU B 113 -8.88 15.33 -17.77
N ASN B 114 -7.65 15.74 -18.12
CA ASN B 114 -6.49 14.83 -18.32
C ASN B 114 -6.17 14.11 -17.00
N ASP B 115 -6.25 14.81 -15.88
CA ASP B 115 -6.10 14.24 -14.51
C ASP B 115 -7.27 13.29 -14.19
N GLN B 116 -8.50 13.63 -14.60
CA GLN B 116 -9.73 12.84 -14.35
C GLN B 116 -9.52 11.46 -14.97
N VAL B 117 -9.12 11.47 -16.25
CA VAL B 117 -8.88 10.28 -17.11
C VAL B 117 -7.77 9.45 -16.45
N THR B 118 -6.73 10.13 -15.96
CA THR B 118 -5.57 9.45 -15.33
C THR B 118 -6.00 8.72 -14.05
N LEU B 119 -6.74 9.40 -13.16
CA LEU B 119 -7.22 8.85 -11.87
C LEU B 119 -8.04 7.58 -12.12
N LEU B 120 -8.73 7.54 -13.26
CA LEU B 120 -9.71 6.48 -13.63
C LEU B 120 -8.98 5.38 -14.41
N LYS B 121 -8.12 5.77 -15.37
CA LYS B 121 -7.16 4.87 -16.06
C LYS B 121 -6.58 3.91 -15.01
N TYR B 122 -6.05 4.47 -13.92
CA TYR B 122 -5.20 3.78 -12.91
C TYR B 122 -6.02 3.43 -11.67
N GLY B 123 -7.29 3.83 -11.60
CA GLY B 123 -8.21 3.47 -10.51
C GLY B 123 -9.17 2.33 -10.82
N VAL B 124 -9.68 2.19 -12.03
CA VAL B 124 -10.91 1.37 -12.26
C VAL B 124 -10.68 -0.07 -11.81
N HIS B 125 -9.51 -0.67 -12.05
CA HIS B 125 -9.32 -2.12 -11.76
C HIS B 125 -9.33 -2.37 -10.24
N GLU B 126 -8.77 -1.45 -9.46
CA GLU B 126 -8.84 -1.54 -7.98
C GLU B 126 -10.31 -1.53 -7.52
N ILE B 127 -11.11 -0.59 -8.03
CA ILE B 127 -12.56 -0.49 -7.68
C ILE B 127 -13.30 -1.72 -8.19
N ILE B 128 -13.09 -2.09 -9.45
CA ILE B 128 -13.69 -3.32 -10.04
C ILE B 128 -13.58 -4.45 -9.01
N TYR B 129 -12.39 -4.75 -8.47
CA TYR B 129 -12.13 -5.99 -7.67
C TYR B 129 -12.59 -5.81 -6.23
N THR B 130 -12.58 -4.58 -5.70
CA THR B 130 -13.36 -4.16 -4.51
C THR B 130 -14.86 -4.50 -4.71
N MET B 131 -15.49 -4.01 -5.76
CA MET B 131 -16.94 -4.26 -6.04
C MET B 131 -17.26 -5.74 -6.25
N LEU B 132 -16.43 -6.46 -7.01
CA LEU B 132 -16.64 -7.89 -7.35
C LEU B 132 -16.65 -8.72 -6.07
N ALA B 133 -16.04 -8.25 -4.98
CA ALA B 133 -16.04 -8.96 -3.68
C ALA B 133 -17.46 -9.00 -3.10
N SER B 134 -18.29 -7.98 -3.39
CA SER B 134 -19.74 -7.89 -3.01
C SER B 134 -20.53 -9.06 -3.63
N LEU B 135 -20.08 -9.55 -4.78
CA LEU B 135 -20.78 -10.60 -5.57
C LEU B 135 -20.18 -12.00 -5.26
N MET B 136 -19.16 -12.08 -4.40
CA MET B 136 -18.36 -13.30 -4.15
C MET B 136 -18.57 -13.80 -2.71
N ASN B 137 -18.75 -15.12 -2.55
CA ASN B 137 -18.47 -15.89 -1.32
C ASN B 137 -17.35 -16.89 -1.64
N LYS B 138 -16.97 -17.77 -0.71
CA LYS B 138 -15.80 -18.70 -0.85
C LYS B 138 -15.97 -19.62 -2.08
N ASP B 139 -17.22 -19.79 -2.54
CA ASP B 139 -17.59 -20.87 -3.46
C ASP B 139 -17.79 -20.30 -4.87
N GLY B 140 -18.10 -18.99 -5.02
CA GLY B 140 -18.13 -18.34 -6.36
C GLY B 140 -18.65 -16.91 -6.41
N VAL B 141 -19.27 -16.58 -7.53
CA VAL B 141 -19.52 -15.17 -7.96
C VAL B 141 -20.86 -15.10 -8.70
N LEU B 142 -21.64 -14.05 -8.44
CA LEU B 142 -22.89 -13.74 -9.17
C LEU B 142 -22.51 -13.16 -10.54
N ILE B 143 -23.31 -13.49 -11.55
CA ILE B 143 -23.17 -13.07 -12.98
C ILE B 143 -24.57 -12.74 -13.50
N SER B 144 -24.66 -11.88 -14.52
CA SER B 144 -25.95 -11.49 -15.16
C SER B 144 -26.88 -10.96 -14.08
N GLU B 145 -26.37 -10.04 -13.27
CA GLU B 145 -27.16 -9.26 -12.29
C GLU B 145 -27.81 -10.22 -11.28
N GLY B 146 -27.08 -11.23 -10.82
CA GLY B 146 -27.52 -12.16 -9.77
C GLY B 146 -28.35 -13.32 -10.30
N GLN B 147 -28.55 -13.44 -11.62
CA GLN B 147 -29.42 -14.50 -12.21
C GLN B 147 -28.68 -15.84 -12.20
N GLY B 148 -27.36 -15.78 -12.38
CA GLY B 148 -26.46 -16.94 -12.30
C GLY B 148 -25.47 -16.76 -11.15
N PHE B 149 -24.95 -17.89 -10.67
CA PHE B 149 -23.85 -18.03 -9.70
C PHE B 149 -22.86 -19.04 -10.26
N MET B 150 -21.67 -18.59 -10.67
CA MET B 150 -20.60 -19.43 -11.27
C MET B 150 -19.61 -19.90 -10.16
N THR B 151 -19.58 -21.23 -9.95
CA THR B 151 -18.68 -21.98 -9.01
C THR B 151 -17.22 -21.56 -9.17
N ARG B 152 -16.58 -21.18 -8.06
CA ARG B 152 -15.12 -20.89 -7.97
C ARG B 152 -14.29 -22.07 -8.53
N GLU B 153 -14.64 -23.30 -8.15
CA GLU B 153 -13.91 -24.51 -8.60
C GLU B 153 -14.13 -24.70 -10.10
N PHE B 154 -15.34 -24.48 -10.61
CA PHE B 154 -15.60 -24.50 -12.08
C PHE B 154 -14.71 -23.48 -12.81
N LEU B 155 -14.39 -22.32 -12.19
CA LEU B 155 -13.57 -21.25 -12.84
C LEU B 155 -12.11 -21.68 -12.83
N LYS B 156 -11.67 -22.21 -11.68
CA LYS B 156 -10.31 -22.78 -11.42
C LYS B 156 -9.96 -23.88 -12.44
N SER B 157 -10.98 -24.60 -12.93
CA SER B 157 -10.94 -25.81 -13.78
C SER B 157 -11.05 -25.44 -15.28
N LEU B 158 -11.04 -24.15 -15.62
CA LEU B 158 -10.88 -23.68 -17.02
C LEU B 158 -9.40 -23.82 -17.39
N ARG B 159 -9.08 -24.02 -18.68
CA ARG B 159 -7.71 -24.36 -19.15
C ARG B 159 -6.77 -23.16 -18.95
N LYS B 160 -5.49 -23.42 -18.66
CA LYS B 160 -4.48 -22.36 -18.42
C LYS B 160 -4.49 -21.42 -19.63
N PRO B 161 -4.20 -20.11 -19.45
CA PRO B 161 -4.09 -19.49 -18.13
C PRO B 161 -5.43 -19.04 -17.50
N PHE B 162 -6.56 -19.37 -18.14
CA PHE B 162 -7.92 -18.86 -17.82
C PHE B 162 -8.38 -19.46 -16.48
N GLY B 163 -8.03 -20.73 -16.22
CA GLY B 163 -8.29 -21.38 -14.92
C GLY B 163 -7.87 -20.54 -13.71
N ASP B 164 -6.79 -19.76 -13.82
CA ASP B 164 -6.19 -18.99 -12.69
C ASP B 164 -6.44 -17.47 -12.82
N PHE B 165 -7.33 -17.04 -13.71
CA PHE B 165 -7.63 -15.60 -13.94
C PHE B 165 -8.23 -14.97 -12.69
N MET B 166 -9.37 -15.47 -12.21
CA MET B 166 -10.22 -14.84 -11.16
C MET B 166 -9.80 -15.31 -9.76
N GLU B 167 -9.06 -16.42 -9.67
CA GLU B 167 -8.87 -17.15 -8.38
C GLU B 167 -8.17 -16.25 -7.35
N PRO B 168 -7.14 -15.46 -7.71
CA PRO B 168 -6.50 -14.55 -6.77
C PRO B 168 -7.54 -13.60 -6.14
N LYS B 169 -8.42 -13.06 -6.99
CA LYS B 169 -9.52 -12.11 -6.67
C LYS B 169 -10.48 -12.76 -5.66
N PHE B 170 -10.59 -14.09 -5.69
CA PHE B 170 -11.38 -14.89 -4.72
C PHE B 170 -10.70 -14.86 -3.36
N GLU B 171 -9.39 -15.12 -3.36
CA GLU B 171 -8.54 -15.16 -2.13
C GLU B 171 -8.58 -13.75 -1.49
N PHE B 172 -8.59 -12.72 -2.31
CA PHE B 172 -8.76 -11.30 -1.86
C PHE B 172 -10.13 -11.09 -1.22
N ALA B 173 -11.19 -11.63 -1.83
CA ALA B 173 -12.59 -11.25 -1.57
C ALA B 173 -13.10 -11.95 -0.30
N VAL B 174 -12.46 -13.03 0.13
CA VAL B 174 -12.81 -13.67 1.43
C VAL B 174 -12.28 -12.75 2.54
N LYS B 175 -11.02 -12.33 2.53
CA LYS B 175 -10.39 -11.51 3.62
C LYS B 175 -10.99 -10.09 3.65
N PHE B 176 -11.29 -9.50 2.48
CA PHE B 176 -12.03 -8.23 2.36
C PHE B 176 -13.47 -8.37 2.88
N ASN B 177 -14.17 -9.46 2.53
CA ASN B 177 -15.56 -9.73 2.99
C ASN B 177 -15.57 -9.97 4.51
N ALA B 178 -14.44 -10.33 5.11
CA ALA B 178 -14.29 -10.52 6.57
C ALA B 178 -14.37 -9.18 7.33
N LEU B 179 -14.29 -8.05 6.62
CA LEU B 179 -14.44 -6.68 7.18
C LEU B 179 -15.92 -6.29 7.27
N GLU B 180 -16.82 -7.04 6.62
CA GLU B 180 -18.28 -6.88 6.78
C GLU B 180 -18.65 -5.40 6.52
N LEU B 181 -18.23 -4.86 5.37
CA LEU B 181 -18.58 -3.48 4.91
C LEU B 181 -19.97 -3.47 4.25
N ASP B 182 -20.74 -2.40 4.43
CA ASP B 182 -22.08 -2.27 3.81
C ASP B 182 -21.89 -1.32 2.63
N ASP B 183 -22.94 -1.08 1.87
CA ASP B 183 -22.83 -0.25 0.63
C ASP B 183 -22.42 1.15 1.06
N SER B 184 -22.79 1.52 2.28
CA SER B 184 -22.61 2.86 2.86
C SER B 184 -21.11 3.11 2.95
N ASP B 185 -20.38 2.17 3.55
CA ASP B 185 -18.91 2.25 3.76
C ASP B 185 -18.23 2.34 2.40
N LEU B 186 -18.67 1.50 1.46
CA LEU B 186 -17.93 1.16 0.21
C LEU B 186 -17.99 2.38 -0.72
N ALA B 187 -19.15 3.01 -0.81
CA ALA B 187 -19.40 4.26 -1.57
C ALA B 187 -18.23 5.22 -1.29
N ILE B 188 -17.90 5.44 -0.01
CA ILE B 188 -16.85 6.43 0.34
C ILE B 188 -15.48 5.80 0.05
N PHE B 189 -15.29 4.52 0.36
CA PHE B 189 -14.00 3.78 0.16
C PHE B 189 -13.64 3.84 -1.32
N ILE B 190 -14.62 3.70 -2.21
CA ILE B 190 -14.44 3.74 -3.69
C ILE B 190 -14.01 5.15 -4.13
N ALA B 191 -14.60 6.21 -3.57
CA ALA B 191 -14.24 7.61 -3.89
C ALA B 191 -12.79 7.85 -3.48
N VAL B 192 -12.47 7.52 -2.23
CA VAL B 192 -11.08 7.66 -1.68
C VAL B 192 -10.13 7.15 -2.77
N ILE B 193 -10.29 5.88 -3.19
CA ILE B 193 -9.41 5.20 -4.18
C ILE B 193 -9.30 6.00 -5.48
N ILE B 194 -10.40 6.48 -6.04
CA ILE B 194 -10.42 7.31 -7.28
C ILE B 194 -9.49 8.52 -7.07
N LEU B 195 -9.63 9.28 -5.98
CA LEU B 195 -8.81 10.49 -5.74
C LEU B 195 -7.43 10.16 -5.10
N SER B 196 -6.72 9.18 -5.68
CA SER B 196 -5.33 8.79 -5.29
C SER B 196 -4.37 9.76 -5.98
N GLY B 197 -3.69 10.61 -5.21
CA GLY B 197 -2.78 11.64 -5.75
C GLY B 197 -1.43 11.09 -6.19
N ASP B 198 -1.18 9.78 -6.01
CA ASP B 198 0.14 9.16 -6.31
C ASP B 198 0.10 8.51 -7.70
N ARG B 199 -1.00 8.63 -8.45
CA ARG B 199 -1.13 7.93 -9.77
C ARG B 199 -0.16 8.60 -10.75
N PRO B 200 0.58 7.81 -11.56
CA PRO B 200 1.63 8.35 -12.41
C PRO B 200 1.14 9.28 -13.52
N GLY B 201 1.81 10.42 -13.67
CA GLY B 201 1.55 11.40 -14.75
C GLY B 201 0.55 12.44 -14.34
N LEU B 202 0.00 12.38 -13.12
CA LEU B 202 -0.94 13.40 -12.56
C LEU B 202 -0.29 14.79 -12.64
N LEU B 203 -1.00 15.73 -13.27
CA LEU B 203 -0.56 17.14 -13.43
C LEU B 203 -0.62 17.83 -12.07
N ASN B 204 -1.81 17.86 -11.44
CA ASN B 204 -2.12 18.77 -10.32
C ASN B 204 -2.49 17.90 -9.12
N VAL B 205 -1.50 17.43 -8.38
CA VAL B 205 -1.71 16.47 -7.25
C VAL B 205 -2.35 17.17 -6.05
N LYS B 206 -2.01 18.42 -5.76
CA LYS B 206 -2.45 19.14 -4.53
C LYS B 206 -3.96 19.12 -4.37
N PRO B 207 -4.76 19.60 -5.37
CA PRO B 207 -6.23 19.49 -5.31
C PRO B 207 -6.82 18.05 -5.20
N ILE B 208 -6.17 17.06 -5.83
CA ILE B 208 -6.60 15.64 -5.72
C ILE B 208 -6.50 15.21 -4.25
N GLU B 209 -5.37 15.50 -3.61
CA GLU B 209 -5.08 15.12 -2.20
C GLU B 209 -6.04 15.87 -1.31
N ASP B 210 -6.36 17.13 -1.62
CA ASP B 210 -7.34 17.96 -0.87
C ASP B 210 -8.67 17.24 -0.85
N ILE B 211 -9.24 17.00 -2.04
CA ILE B 211 -10.50 16.20 -2.14
C ILE B 211 -10.32 14.92 -1.32
N GLN B 212 -9.25 14.15 -1.56
CA GLN B 212 -9.14 12.81 -0.92
C GLN B 212 -9.16 12.98 0.61
N ASP B 213 -8.57 14.06 1.15
CA ASP B 213 -8.46 14.23 2.63
C ASP B 213 -9.87 14.17 3.21
N ASN B 214 -10.77 14.90 2.57
CA ASN B 214 -12.15 15.16 3.00
C ASN B 214 -12.91 13.84 2.93
N LEU B 215 -12.70 13.11 1.84
CA LEU B 215 -13.27 11.75 1.65
C LEU B 215 -12.79 10.84 2.79
N LEU B 216 -11.51 10.92 3.17
CA LEU B 216 -10.98 10.09 4.28
C LEU B 216 -11.64 10.47 5.60
N GLN B 217 -11.86 11.75 5.88
CA GLN B 217 -12.59 12.20 7.09
C GLN B 217 -14.04 11.65 7.08
N ALA B 218 -14.67 11.60 5.91
CA ALA B 218 -16.04 11.03 5.74
C ALA B 218 -16.03 9.52 6.03
N LEU B 219 -15.05 8.80 5.52
CA LEU B 219 -14.96 7.33 5.69
C LEU B 219 -14.67 7.03 7.17
N GLU B 220 -13.81 7.81 7.83
CA GLU B 220 -13.37 7.57 9.23
C GLU B 220 -14.63 7.70 10.10
N LEU B 221 -15.34 8.83 9.95
CA LEU B 221 -16.51 9.16 10.79
C LEU B 221 -17.55 8.06 10.62
N GLN B 222 -17.89 7.78 9.36
CA GLN B 222 -18.77 6.67 8.89
C GLN B 222 -18.42 5.32 9.54
N LEU B 223 -17.15 4.90 9.49
CA LEU B 223 -16.81 3.53 9.96
C LEU B 223 -16.95 3.47 11.48
N LYS B 224 -16.54 4.55 12.17
CA LYS B 224 -16.63 4.71 13.64
C LYS B 224 -18.11 4.64 14.03
N LEU B 225 -18.97 5.31 13.26
CA LEU B 225 -20.44 5.33 13.48
C LEU B 225 -21.09 3.99 13.13
N ASN B 226 -20.74 3.36 12.02
CA ASN B 226 -21.42 2.15 11.48
C ASN B 226 -20.82 0.85 12.07
N HIS B 227 -19.61 0.87 12.62
CA HIS B 227 -18.87 -0.34 13.05
C HIS B 227 -18.14 -0.04 14.37
N PRO B 228 -18.86 0.32 15.45
CA PRO B 228 -18.21 0.90 16.62
C PRO B 228 -17.24 -0.12 17.22
N GLU B 229 -17.66 -1.38 17.37
CA GLU B 229 -16.92 -2.44 18.11
C GLU B 229 -15.69 -2.87 17.30
N SER B 230 -15.77 -2.80 15.97
CA SER B 230 -14.69 -3.14 15.01
C SER B 230 -13.50 -2.19 15.20
N SER B 231 -12.44 -2.71 15.83
CA SER B 231 -11.26 -1.97 16.36
C SER B 231 -10.31 -1.58 15.22
N GLN B 232 -10.13 -0.28 14.94
CA GLN B 232 -9.19 0.25 13.91
C GLN B 232 -9.57 -0.31 12.54
N LEU B 233 -10.88 -0.45 12.27
CA LEU B 233 -11.42 -0.90 10.96
C LEU B 233 -10.94 0.07 9.88
N PHE B 234 -10.92 1.38 10.16
CA PHE B 234 -10.39 2.44 9.25
C PHE B 234 -9.03 2.01 8.68
N ALA B 235 -8.08 1.73 9.59
CA ALA B 235 -6.69 1.38 9.25
C ALA B 235 -6.68 0.07 8.45
N LYS B 236 -7.34 -0.98 8.94
CA LYS B 236 -7.35 -2.32 8.28
C LYS B 236 -7.94 -2.20 6.88
N LEU B 237 -8.95 -1.32 6.69
CA LEU B 237 -9.59 -1.04 5.39
C LEU B 237 -8.53 -0.44 4.45
N LEU B 238 -7.82 0.60 4.90
CA LEU B 238 -6.76 1.28 4.11
C LEU B 238 -5.61 0.29 3.83
N GLN B 239 -5.33 -0.62 4.77
CA GLN B 239 -4.22 -1.61 4.61
C GLN B 239 -4.53 -2.47 3.38
N LYS B 240 -5.83 -2.68 3.09
CA LYS B 240 -6.36 -3.54 1.98
C LYS B 240 -6.00 -2.98 0.60
N MET B 241 -5.43 -1.77 0.52
CA MET B 241 -4.97 -1.18 -0.76
C MET B 241 -3.76 -1.97 -1.28
N THR B 242 -2.98 -2.46 -0.34
CA THR B 242 -1.84 -3.38 -0.55
C THR B 242 -2.33 -4.56 -1.39
N ASP B 243 -3.34 -5.28 -0.86
CA ASP B 243 -3.95 -6.51 -1.43
C ASP B 243 -4.47 -6.14 -2.82
N LEU B 244 -5.13 -4.99 -2.89
CA LEU B 244 -5.80 -4.49 -4.11
C LEU B 244 -4.71 -4.17 -5.14
N ARG B 245 -3.60 -3.58 -4.69
CA ARG B 245 -2.59 -3.04 -5.63
C ARG B 245 -1.82 -4.21 -6.24
N GLN B 246 -1.67 -5.30 -5.49
CA GLN B 246 -1.01 -6.51 -6.02
C GLN B 246 -1.97 -7.25 -6.95
N ILE B 247 -3.22 -7.47 -6.54
CA ILE B 247 -4.23 -8.14 -7.41
C ILE B 247 -4.16 -7.47 -8.77
N VAL B 248 -4.20 -6.13 -8.85
CA VAL B 248 -4.19 -5.40 -10.15
C VAL B 248 -2.85 -5.65 -10.83
N THR B 249 -1.75 -5.48 -10.07
CA THR B 249 -0.37 -5.65 -10.59
C THR B 249 -0.35 -6.93 -11.42
N GLU B 250 -0.70 -8.07 -10.82
CA GLU B 250 -0.64 -9.42 -11.44
C GLU B 250 -1.80 -9.63 -12.43
N HIS B 251 -2.86 -8.83 -12.36
CA HIS B 251 -4.00 -8.89 -13.33
C HIS B 251 -3.59 -8.17 -14.63
N VAL B 252 -2.73 -7.15 -14.54
CA VAL B 252 -2.14 -6.38 -15.68
C VAL B 252 -1.13 -7.26 -16.43
N GLN B 253 -0.17 -7.85 -15.71
CA GLN B 253 0.72 -8.95 -16.17
C GLN B 253 -0.10 -10.01 -16.93
N LEU B 254 -1.06 -10.67 -16.27
CA LEU B 254 -1.84 -11.86 -16.77
C LEU B 254 -2.77 -11.49 -17.96
N LEU B 255 -3.27 -10.25 -18.00
CA LEU B 255 -3.99 -9.69 -19.17
C LEU B 255 -3.04 -9.71 -20.38
N GLN B 256 -1.80 -9.26 -20.18
CA GLN B 256 -0.74 -9.15 -21.22
C GLN B 256 -0.25 -10.55 -21.69
N VAL B 257 -0.26 -11.59 -20.83
CA VAL B 257 0.09 -13.01 -21.20
C VAL B 257 -1.00 -13.57 -22.13
N ILE B 258 -2.26 -13.42 -21.73
CA ILE B 258 -3.47 -13.70 -22.56
C ILE B 258 -3.36 -12.98 -23.91
N LYS B 259 -2.82 -11.75 -23.93
CA LYS B 259 -2.80 -10.90 -25.14
C LYS B 259 -1.68 -11.33 -26.11
N LYS B 260 -0.77 -12.20 -25.68
CA LYS B 260 0.30 -12.76 -26.56
C LYS B 260 -0.14 -14.14 -27.06
N THR B 261 -0.60 -15.01 -26.15
CA THR B 261 -0.65 -16.48 -26.35
C THR B 261 -2.08 -16.97 -26.61
N GLU B 262 -3.03 -16.05 -26.81
CA GLU B 262 -4.43 -16.33 -27.20
C GLU B 262 -4.88 -15.21 -28.13
N THR B 263 -4.01 -14.86 -29.09
CA THR B 263 -4.07 -13.65 -29.96
C THR B 263 -5.31 -13.74 -30.88
N ASP B 264 -5.96 -12.59 -31.12
CA ASP B 264 -7.20 -12.44 -31.93
C ASP B 264 -6.80 -12.26 -33.41
N MET C 6 18.05 -16.04 3.23
CA MET C 6 19.16 -17.03 3.36
C MET C 6 20.40 -16.36 3.96
N GLY C 7 21.03 -15.46 3.20
CA GLY C 7 21.97 -14.44 3.70
C GLY C 7 21.30 -13.52 4.72
N LEU C 8 19.98 -13.36 4.61
CA LEU C 8 19.19 -12.42 5.43
C LEU C 8 18.78 -13.11 6.73
N GLU C 9 18.16 -14.30 6.63
CA GLU C 9 17.67 -15.07 7.80
C GLU C 9 18.84 -15.36 8.75
N ALA C 10 19.97 -15.76 8.16
CA ALA C 10 21.24 -15.93 8.89
C ALA C 10 21.37 -14.77 9.87
N ILE C 11 21.59 -13.58 9.32
CA ILE C 11 21.94 -12.36 10.09
C ILE C 11 20.81 -12.06 11.08
N ILE C 12 19.55 -12.32 10.74
CA ILE C 12 18.36 -11.97 11.59
C ILE C 12 18.33 -12.90 12.82
N ARG C 13 18.62 -14.19 12.63
CA ARG C 13 18.59 -15.18 13.75
C ARG C 13 19.75 -14.88 14.71
N LYS C 14 20.88 -14.48 14.14
CA LYS C 14 22.10 -14.13 14.92
C LYS C 14 21.79 -12.91 15.78
N ALA C 15 21.19 -11.88 15.19
CA ALA C 15 20.80 -10.63 15.88
C ALA C 15 19.77 -10.92 16.99
N LEU C 16 18.83 -11.84 16.73
CA LEU C 16 17.80 -12.25 17.72
C LEU C 16 18.48 -12.92 18.92
N MET C 17 19.59 -13.63 18.66
CA MET C 17 20.46 -14.29 19.67
C MET C 17 21.10 -13.20 20.55
N GLY D 7 -7.69 2.84 -26.16
CA GLY D 7 -8.20 1.59 -25.54
C GLY D 7 -9.12 1.89 -24.37
N LEU D 8 -8.60 1.73 -23.14
CA LEU D 8 -9.33 2.06 -21.88
C LEU D 8 -9.53 3.58 -21.80
N GLU D 9 -8.49 4.38 -22.07
CA GLU D 9 -8.59 5.86 -22.07
C GLU D 9 -9.79 6.28 -22.89
N ALA D 10 -9.89 5.72 -24.10
CA ALA D 10 -11.03 5.91 -25.03
C ALA D 10 -12.31 5.83 -24.21
N ILE D 11 -12.64 4.65 -23.68
CA ILE D 11 -13.95 4.36 -22.99
C ILE D 11 -14.24 5.44 -21.95
N ILE D 12 -13.25 5.75 -21.12
CA ILE D 12 -13.36 6.69 -19.97
C ILE D 12 -13.72 8.09 -20.50
N ARG D 13 -13.05 8.53 -21.58
CA ARG D 13 -13.27 9.85 -22.24
C ARG D 13 -14.70 9.93 -22.75
N LYS D 14 -15.14 8.86 -23.42
CA LYS D 14 -16.53 8.74 -23.92
C LYS D 14 -17.49 8.89 -22.73
N ALA D 15 -17.26 8.15 -21.65
CA ALA D 15 -18.17 8.09 -20.48
C ALA D 15 -18.06 9.39 -19.69
N LEU D 16 -16.92 10.08 -19.72
CA LEU D 16 -16.80 11.46 -19.16
C LEU D 16 -17.55 12.47 -20.04
N MET D 17 -17.39 12.41 -21.37
CA MET D 17 -18.02 13.35 -22.34
C MET D 17 -19.55 13.26 -22.30
N GLY D 18 -20.13 12.15 -21.81
CA GLY D 18 -21.58 12.00 -21.55
C GLY D 18 -22.23 11.02 -22.51
C4 Q8F E . 23.29 -1.84 -1.39
C5 Q8F E . 22.65 -3.06 -1.32
C6 Q8F E . 21.56 -3.23 -0.46
C7 Q8F E . 20.79 -4.50 -0.28
C10 Q8F E . 21.06 -7.44 1.43
C13 Q8F E . 21.60 -8.25 4.04
C15 Q8F E . 21.52 -6.55 2.39
C17 Q8F E . 20.32 -9.80 0.84
C20 Q8F E . 17.23 -9.18 -0.83
C22 Q8F E . 14.93 -9.47 0.03
C26 Q8F E . 21.27 0.07 1.18
C28 Q8F E . 21.96 1.17 3.17
C30 Q8F E . 23.73 2.87 2.61
C29 Q8F E . 22.61 2.37 3.50
C31 Q8F E . 22.27 3.09 4.64
C32 Q8F E . 21.28 2.69 5.50
C35 Q8F E . 20.97 3.58 6.72
F37 Q8F E . 19.79 4.18 6.51
F38 Q8F E . 21.92 4.49 6.87
F36 Q8F E . 20.90 2.96 7.88
C33 Q8F E . 20.59 1.53 5.17
C34 Q8F E . 20.92 0.76 4.03
N27 Q8F E . 22.23 0.62 1.93
O39 Q8F E . 20.08 0.15 1.41
C2 Q8F E . 21.77 -0.93 0.20
C1 Q8F E . 21.16 -2.16 0.30
C3 Q8F E . 22.86 -0.78 -0.64
F24 Q8F E . 23.12 -4.02 -2.11
O23 Q8F E . 19.60 -4.38 -0.05
N8 Q8F E . 21.42 -5.66 -0.30
C9 Q8F E . 20.77 -6.93 0.03
C14 Q8F E . 21.79 -6.93 3.69
F16 Q8F E . 21.87 -8.61 5.31
C12 Q8F E . 21.13 -9.17 3.10
C11 Q8F E . 20.87 -8.78 1.80
O18 Q8F E . 18.88 -9.74 0.88
C19 Q8F E . 18.19 -10.23 -0.28
O21 Q8F E . 15.88 -9.67 -1.02
C4 Q8F F . -12.06 -10.13 -17.93
C5 Q8F F . -11.20 -9.06 -18.28
C6 Q8F F . -11.22 -7.91 -17.51
C7 Q8F F . -10.30 -6.74 -17.86
C10 Q8F F . -10.13 -4.08 -19.83
C13 Q8F F . -11.53 -1.69 -20.28
C15 Q8F F . -11.45 -3.94 -19.43
C17 Q8F F . -8.01 -3.13 -20.91
C20 Q8F F . -5.16 -2.58 -18.58
C22 Q8F F . -4.31 -0.64 -17.32
C26 Q8F F . -13.81 -8.64 -14.83
C28 Q8F F . -16.07 -8.36 -14.04
C30 Q8F F . -17.70 -10.28 -14.40
C29 Q8F F . -17.31 -8.95 -13.76
C31 Q8F F . -18.23 -8.35 -12.89
C32 Q8F F . -17.92 -7.13 -12.29
C35 Q8F F . -18.87 -6.39 -11.34
F37 Q8F F . -18.30 -6.14 -10.17
F38 Q8F F . -19.97 -7.12 -11.18
F36 Q8F F . -19.13 -5.20 -11.87
C33 Q8F F . -16.70 -6.54 -12.56
C34 Q8F F . -15.80 -7.14 -13.41
N27 Q8F F . -15.12 -8.99 -14.80
O39 Q8F F . -13.35 -7.94 -13.98
C2 Q8F F . -12.93 -8.91 -16.02
C1 Q8F F . -12.08 -7.87 -16.42
C3 Q8F F . -12.92 -10.07 -16.78
F24 Q8F F . -10.35 -9.09 -19.34
O23 Q8F F . -9.70 -6.08 -17.02
N8 Q8F F . -10.18 -6.45 -19.13
C9 Q8F F . -9.37 -5.36 -19.59
C14 Q8F F . -12.16 -2.77 -19.64
F16 Q8F F . -12.24 -0.56 -20.49
C12 Q8F F . -10.19 -1.82 -20.69
C11 Q8F F . -9.47 -3.02 -20.47
O18 Q8F F . -7.16 -2.51 -19.94
C19 Q8F F . -6.43 -3.31 -19.02
O21 Q8F F . -5.34 -1.64 -17.49
#